data_6S7X
#
_entry.id   6S7X
#
_cell.length_a   62.334
_cell.length_b   70.386
_cell.length_c   142.821
_cell.angle_alpha   90.000
_cell.angle_beta   90.000
_cell.angle_gamma   90.000
#
_symmetry.space_group_name_H-M   'P 21 21 21'
#
loop_
_entity.id
_entity.type
_entity.pdbx_description
1 polymer 'Activity-regulated cytoskeleton associated protein 1'
2 non-polymer 'SODIUM ION'
3 non-polymer 'CHLORIDE ION'
4 water water
#
_entity_poly.entity_id   1
_entity_poly.type   'polypeptide(L)'
_entity_poly.pdbx_seq_one_letter_code
;SRGKGNFSACTHSFGGTRDHDVVEEFIGNIETYKDVEGISDENALKGISLLFYG(MSE)ASTWWQGVRKEATTWKEAIAL
IREHFSPTKPAYQIY(MSE)EFFQNKQDDHDPIDTFVIQKRALLAQLPSGRHDEETELDLLFGLLNIKYRKHISRHSVHT
FKDLLEQGRIIEHNNPLE
;
_entity_poly.pdbx_strand_id   A,B
#
loop_
_chem_comp.id
_chem_comp.type
_chem_comp.name
_chem_comp.formula
CL non-polymer 'CHLORIDE ION' 'Cl -1'
NA non-polymer 'SODIUM ION' 'Na 1'
#
# COMPACT_ATOMS: atom_id res chain seq x y z
N GLY A 3 8.89 -5.49 -47.80
CA GLY A 3 7.99 -5.27 -46.63
C GLY A 3 7.51 -6.55 -45.95
N LYS A 4 7.03 -6.40 -44.73
CA LYS A 4 6.59 -7.55 -43.89
C LYS A 4 5.40 -7.16 -43.06
N GLY A 5 4.45 -8.10 -42.92
CA GLY A 5 3.33 -7.94 -42.01
C GLY A 5 3.50 -8.81 -40.76
N ASN A 6 4.54 -9.63 -40.70
CA ASN A 6 4.79 -10.55 -39.55
C ASN A 6 6.27 -10.44 -39.17
N PHE A 7 6.69 -11.30 -38.24
CA PHE A 7 8.04 -11.30 -37.61
C PHE A 7 8.95 -12.27 -38.35
N SER A 8 8.58 -12.75 -39.54
CA SER A 8 9.41 -13.74 -40.28
C SER A 8 10.81 -13.19 -40.60
N ALA A 9 11.01 -11.87 -40.73
CA ALA A 9 12.35 -11.30 -41.05
C ALA A 9 13.00 -10.74 -39.78
N CYS A 10 12.36 -10.90 -38.63
CA CYS A 10 12.92 -10.47 -37.33
C CYS A 10 14.06 -11.41 -36.93
N THR A 11 15.21 -10.89 -36.54
CA THR A 11 16.36 -11.75 -36.14
C THR A 11 16.33 -11.98 -34.61
N HIS A 12 15.38 -11.41 -33.87
CA HIS A 12 15.36 -11.46 -32.38
C HIS A 12 14.44 -12.59 -31.96
N SER A 13 14.77 -13.24 -30.85
CA SER A 13 13.98 -14.35 -30.27
C SER A 13 14.16 -14.34 -28.75
N PHE A 14 13.24 -15.00 -28.05
CA PHE A 14 13.23 -15.07 -26.59
C PHE A 14 12.85 -16.50 -26.19
N GLY A 15 13.70 -17.09 -25.35
CA GLY A 15 13.59 -18.49 -24.88
C GLY A 15 13.14 -18.58 -23.43
N GLY A 16 12.96 -17.47 -22.72
CA GLY A 16 12.43 -17.48 -21.34
C GLY A 16 13.47 -17.22 -20.28
N THR A 17 14.64 -16.71 -20.65
CA THR A 17 15.66 -16.26 -19.68
C THR A 17 15.06 -15.27 -18.69
N ARG A 18 15.15 -15.58 -17.41
CA ARG A 18 14.54 -14.75 -16.36
C ARG A 18 15.57 -13.68 -15.94
N ASP A 19 15.83 -12.72 -16.82
CA ASP A 19 16.85 -11.68 -16.61
C ASP A 19 16.26 -10.36 -17.09
N HIS A 20 16.07 -9.40 -16.21
CA HIS A 20 15.42 -8.11 -16.54
C HIS A 20 16.07 -7.46 -17.77
N ASP A 21 17.40 -7.40 -17.83
CA ASP A 21 18.08 -6.70 -18.96
C ASP A 21 17.82 -7.46 -20.28
N VAL A 22 17.79 -8.79 -20.22
CA VAL A 22 17.54 -9.63 -21.42
C VAL A 22 16.11 -9.37 -21.89
N VAL A 23 15.16 -9.32 -20.96
CA VAL A 23 13.73 -9.08 -21.29
C VAL A 23 13.62 -7.69 -21.94
N GLU A 24 14.20 -6.66 -21.36
CA GLU A 24 14.07 -5.27 -21.88
C GLU A 24 14.74 -5.16 -23.24
N GLU A 25 15.87 -5.82 -23.43
CA GLU A 25 16.59 -5.80 -24.72
C GLU A 25 15.69 -6.44 -25.81
N PHE A 26 15.09 -7.59 -25.51
CA PHE A 26 14.20 -8.32 -26.44
C PHE A 26 13.00 -7.44 -26.80
N ILE A 27 12.32 -6.89 -25.79
CA ILE A 27 11.11 -6.06 -26.00
C ILE A 27 11.51 -4.83 -26.86
N GLY A 28 12.62 -4.17 -26.54
CA GLY A 28 13.13 -3.03 -27.34
C GLY A 28 13.39 -3.44 -28.79
N ASN A 29 14.00 -4.58 -29.01
CA ASN A 29 14.35 -5.07 -30.37
C ASN A 29 13.06 -5.37 -31.16
N ILE A 30 12.04 -5.98 -30.55
CA ILE A 30 10.82 -6.36 -31.33
C ILE A 30 9.97 -5.10 -31.55
N GLU A 31 9.99 -4.15 -30.62
CA GLU A 31 9.30 -2.83 -30.81
C GLU A 31 9.94 -2.08 -31.99
N THR A 32 11.26 -2.08 -32.10
CA THR A 32 11.99 -1.45 -33.24
C THR A 32 11.54 -2.11 -34.56
N TYR A 33 11.59 -3.45 -34.64
CA TYR A 33 11.21 -4.19 -35.86
C TYR A 33 9.77 -3.83 -36.21
N LYS A 34 8.88 -3.91 -35.23
CA LYS A 34 7.45 -3.59 -35.40
C LYS A 34 7.29 -2.18 -35.98
N ASP A 35 8.03 -1.22 -35.44
CA ASP A 35 7.92 0.18 -35.89
C ASP A 35 8.49 0.30 -37.31
N VAL A 36 9.67 -0.23 -37.56
CA VAL A 36 10.36 -0.10 -38.89
C VAL A 36 9.50 -0.77 -39.97
N GLU A 37 8.91 -1.93 -39.70
CA GLU A 37 8.11 -2.68 -40.72
C GLU A 37 6.67 -2.14 -40.79
N GLY A 38 6.27 -1.25 -39.89
CA GLY A 38 4.91 -0.68 -39.87
C GLY A 38 3.87 -1.73 -39.58
N ILE A 39 4.15 -2.67 -38.67
CA ILE A 39 3.17 -3.71 -38.23
C ILE A 39 2.27 -3.09 -37.15
N SER A 40 0.96 -3.28 -37.28
CA SER A 40 -0.05 -2.78 -36.33
C SER A 40 0.04 -3.56 -35.02
N ASP A 41 -0.50 -2.98 -33.95
CA ASP A 41 -0.57 -3.68 -32.65
C ASP A 41 -1.29 -5.02 -32.85
N GLU A 42 -2.43 -5.00 -33.51
CA GLU A 42 -3.29 -6.19 -33.65
C GLU A 42 -2.51 -7.28 -34.39
N ASN A 43 -1.75 -6.91 -35.43
CA ASN A 43 -1.04 -7.91 -36.26
C ASN A 43 0.19 -8.42 -35.50
N ALA A 44 0.87 -7.53 -34.76
CA ALA A 44 2.02 -7.91 -33.92
C ALA A 44 1.54 -8.97 -32.92
N LEU A 45 0.37 -8.76 -32.30
CA LEU A 45 -0.17 -9.77 -31.38
C LEU A 45 -0.44 -11.08 -32.12
N LYS A 46 -1.06 -11.07 -33.31
CA LYS A 46 -1.37 -12.34 -34.04
C LYS A 46 -0.10 -13.08 -34.46
N GLY A 47 1.01 -12.37 -34.67
CA GLY A 47 2.27 -12.98 -35.13
C GLY A 47 3.30 -13.26 -34.06
N ILE A 48 3.03 -12.94 -32.81
CA ILE A 48 4.09 -12.85 -31.76
C ILE A 48 4.67 -14.24 -31.51
N SER A 49 3.91 -15.32 -31.71
CA SER A 49 4.38 -16.67 -31.30
C SER A 49 5.67 -17.05 -32.03
N LEU A 50 5.97 -16.46 -33.20
CA LEU A 50 7.19 -16.81 -33.96
C LEU A 50 8.44 -16.42 -33.16
N LEU A 51 8.35 -15.41 -32.29
CA LEU A 51 9.47 -14.82 -31.55
C LEU A 51 9.87 -15.68 -30.34
N PHE A 52 9.07 -16.65 -29.93
CA PHE A 52 9.35 -17.46 -28.71
C PHE A 52 9.90 -18.83 -29.10
N TYR A 53 10.81 -19.36 -28.28
CA TYR A 53 11.15 -20.80 -28.33
C TYR A 53 11.26 -21.31 -26.90
N GLY A 54 11.37 -22.65 -26.80
CA GLY A 54 11.63 -23.34 -25.53
C GLY A 54 10.58 -22.98 -24.50
N MSE A 55 11.01 -22.56 -23.31
CA MSE A 55 10.08 -22.31 -22.24
C MSE A 55 9.16 -21.13 -22.56
O MSE A 55 8.01 -21.12 -22.12
CB MSE A 55 10.83 -22.07 -20.93
CG MSE A 55 10.73 -23.25 -19.93
SE MSE A 55 12.22 -22.93 -18.70
CE MSE A 55 10.65 -22.57 -17.55
H MSE A 55 12.00 -22.40 -23.16
HA MSE A 55 9.52 -23.11 -22.14
HB2 MSE A 55 10.47 -21.30 -20.50
HB3 MSE A 55 11.75 -21.91 -21.11
HG2 MSE A 55 10.85 -24.11 -20.40
HG3 MSE A 55 9.88 -23.25 -19.47
HE1 MSE A 55 10.95 -22.37 -16.65
HE2 MSE A 55 10.07 -23.35 -17.53
HE3 MSE A 55 10.16 -21.81 -17.91
N ALA A 56 9.66 -20.13 -23.31
CA ALA A 56 8.83 -18.97 -23.60
C ALA A 56 7.68 -19.37 -24.53
N SER A 57 7.89 -20.33 -25.41
CA SER A 57 6.85 -20.84 -26.34
CA SER A 57 6.85 -20.83 -26.34
C SER A 57 5.77 -21.55 -25.53
N THR A 58 6.19 -22.46 -24.66
CA THR A 58 5.26 -23.24 -23.81
C THR A 58 4.48 -22.25 -22.94
N TRP A 59 5.17 -21.26 -22.38
CA TRP A 59 4.53 -20.20 -21.57
C TRP A 59 3.45 -19.51 -22.41
N TRP A 60 3.79 -19.06 -23.60
CA TRP A 60 2.88 -18.24 -24.43
C TRP A 60 1.64 -19.07 -24.77
N GLN A 61 1.80 -20.36 -25.06
CA GLN A 61 0.66 -21.28 -25.38
CA GLN A 61 0.63 -21.21 -25.41
C GLN A 61 -0.35 -21.20 -24.24
N GLY A 62 0.14 -21.16 -22.99
CA GLY A 62 -0.64 -21.15 -21.75
C GLY A 62 -1.31 -19.82 -21.44
N VAL A 63 -0.75 -18.67 -21.84
CA VAL A 63 -1.31 -17.36 -21.44
C VAL A 63 -1.93 -16.60 -22.60
N ARG A 64 -1.78 -17.07 -23.84
CA ARG A 64 -2.10 -16.18 -24.99
C ARG A 64 -3.55 -15.67 -24.92
N LYS A 65 -4.48 -16.46 -24.42
CA LYS A 65 -5.92 -16.07 -24.35
C LYS A 65 -6.05 -14.85 -23.43
N GLU A 66 -5.16 -14.69 -22.45
CA GLU A 66 -5.26 -13.55 -21.50
C GLU A 66 -4.87 -12.26 -22.21
N ALA A 67 -4.03 -12.36 -23.25
CA ALA A 67 -3.46 -11.20 -23.94
C ALA A 67 -4.42 -10.82 -25.07
N THR A 68 -5.26 -9.82 -24.83
CA THR A 68 -6.26 -9.37 -25.83
C THR A 68 -5.69 -8.22 -26.66
N THR A 69 -4.58 -7.62 -26.26
CA THR A 69 -3.92 -6.56 -27.05
C THR A 69 -2.41 -6.79 -27.03
N TRP A 70 -1.71 -6.22 -27.99
CA TRP A 70 -0.21 -6.19 -28.00
C TRP A 70 0.30 -5.64 -26.66
N LYS A 71 -0.27 -4.54 -26.21
CA LYS A 71 0.15 -3.87 -24.94
C LYS A 71 0.06 -4.89 -23.79
N GLU A 72 -1.03 -5.65 -23.70
CA GLU A 72 -1.21 -6.68 -22.64
C GLU A 72 -0.18 -7.80 -22.79
N ALA A 73 0.12 -8.19 -24.03
CA ALA A 73 1.14 -9.24 -24.28
C ALA A 73 2.49 -8.78 -23.73
N ILE A 74 2.92 -7.58 -24.06
CA ILE A 74 4.24 -7.03 -23.64
C ILE A 74 4.22 -6.97 -22.10
N ALA A 75 3.13 -6.52 -21.46
CA ALA A 75 3.10 -6.43 -19.97
C ALA A 75 3.20 -7.85 -19.37
N LEU A 76 2.61 -8.87 -19.99
CA LEU A 76 2.68 -10.26 -19.46
C LEU A 76 4.12 -10.77 -19.53
N ILE A 77 4.84 -10.45 -20.61
CA ILE A 77 6.28 -10.85 -20.75
C ILE A 77 7.04 -10.28 -19.55
N ARG A 78 6.92 -8.98 -19.33
CA ARG A 78 7.64 -8.27 -18.24
C ARG A 78 7.29 -8.90 -16.90
N GLU A 79 6.00 -9.07 -16.62
CA GLU A 79 5.52 -9.59 -15.33
C GLU A 79 6.04 -11.02 -15.12
N HIS A 80 5.99 -11.87 -16.13
CA HIS A 80 6.27 -13.31 -15.90
C HIS A 80 7.78 -13.58 -15.89
N PHE A 81 8.60 -12.83 -16.62
CA PHE A 81 10.01 -13.19 -16.84
C PHE A 81 10.98 -12.33 -16.02
N SER A 82 10.57 -11.19 -15.49
CA SER A 82 11.43 -10.37 -14.59
C SER A 82 11.50 -11.07 -13.23
N PRO A 83 12.70 -11.43 -12.78
CA PRO A 83 12.84 -12.26 -11.59
C PRO A 83 12.68 -11.26 -10.44
N THR A 84 11.63 -11.43 -9.69
CA THR A 84 11.30 -10.60 -8.52
C THR A 84 10.44 -11.46 -7.63
N LYS A 85 10.46 -11.15 -6.36
CA LYS A 85 9.45 -11.70 -5.45
C LYS A 85 8.18 -10.96 -5.76
N PRO A 86 7.05 -11.65 -6.03
CA PRO A 86 5.77 -10.96 -6.22
C PRO A 86 5.38 -10.21 -4.94
N ALA A 87 4.78 -9.02 -5.16
CA ALA A 87 4.27 -8.13 -4.08
C ALA A 87 3.47 -8.94 -3.06
N TYR A 88 2.58 -9.84 -3.48
CA TYR A 88 1.69 -10.53 -2.49
C TYR A 88 2.53 -11.37 -1.54
N GLN A 89 3.63 -11.93 -2.05
CA GLN A 89 4.53 -12.75 -1.22
C GLN A 89 5.35 -11.84 -0.27
N ILE A 90 5.76 -10.66 -0.74
CA ILE A 90 6.44 -9.64 0.11
CA ILE A 90 6.44 -9.63 0.09
C ILE A 90 5.51 -9.28 1.27
N TYR A 91 4.26 -9.00 1.00
CA TYR A 91 3.34 -8.64 2.12
C TYR A 91 3.21 -9.80 3.10
N MSE A 92 3.03 -11.03 2.62
CA MSE A 92 2.91 -12.15 3.54
C MSE A 92 4.16 -12.32 4.40
O MSE A 92 4.06 -12.52 5.62
CB MSE A 92 2.68 -13.50 2.83
CG MSE A 92 1.41 -13.62 2.15
SE MSE A 92 -0.11 -13.56 3.44
CE MSE A 92 0.08 -15.02 4.68
H MSE A 92 2.98 -11.19 1.62
HA MSE A 92 2.14 -11.97 4.14
HB2 MSE A 92 2.74 -14.20 3.48
HB3 MSE A 92 3.37 -13.63 2.20
HG2 MSE A 92 1.37 -14.47 1.65
HG3 MSE A 92 1.30 -12.89 1.50
HE1 MSE A 92 -0.46 -14.85 5.47
HE2 MSE A 92 1.01 -15.11 4.94
HE3 MSE A 92 -0.22 -15.84 4.27
N GLU A 93 5.35 -12.22 3.78
CA GLU A 93 6.56 -12.41 4.55
C GLU A 93 6.67 -11.28 5.57
N PHE A 94 6.29 -10.07 5.18
CA PHE A 94 6.36 -8.88 6.05
C PHE A 94 5.54 -9.14 7.32
N PHE A 95 4.32 -9.66 7.15
CA PHE A 95 3.38 -9.81 8.28
C PHE A 95 3.60 -11.14 9.01
N GLN A 96 4.52 -11.97 8.54
CA GLN A 96 4.72 -13.33 9.09
C GLN A 96 5.39 -13.26 10.47
N ASN A 97 6.32 -12.34 10.72
CA ASN A 97 7.06 -12.34 12.01
C ASN A 97 6.97 -10.99 12.72
N LYS A 98 6.42 -11.01 13.91
CA LYS A 98 6.41 -9.88 14.86
C LYS A 98 7.84 -9.67 15.38
N GLN A 99 8.10 -8.49 15.91
CA GLN A 99 9.38 -8.21 16.57
C GLN A 99 9.44 -9.05 17.86
N ASP A 100 10.38 -10.00 17.93
CA ASP A 100 10.66 -10.83 19.14
C ASP A 100 11.12 -9.95 20.31
N ASP A 101 11.07 -10.52 21.52
CA ASP A 101 11.54 -9.86 22.77
C ASP A 101 13.03 -9.47 22.68
N HIS A 102 13.84 -10.21 21.92
CA HIS A 102 15.29 -10.00 21.87
C HIS A 102 15.77 -9.38 20.55
N ASP A 103 14.88 -9.07 19.60
CA ASP A 103 15.30 -8.39 18.34
C ASP A 103 15.26 -6.87 18.56
N PRO A 104 16.41 -6.18 18.55
CA PRO A 104 16.41 -4.73 18.70
C PRO A 104 15.85 -4.03 17.47
N ILE A 105 15.66 -2.73 17.59
CA ILE A 105 14.92 -1.93 16.58
C ILE A 105 15.72 -1.89 15.28
N ASP A 106 17.06 -1.79 15.33
CA ASP A 106 17.87 -1.67 14.09
C ASP A 106 17.63 -2.89 13.19
N THR A 107 17.77 -4.10 13.72
CA THR A 107 17.72 -5.29 12.85
C THR A 107 16.26 -5.58 12.51
N PHE A 108 15.33 -5.24 13.38
CA PHE A 108 13.91 -5.40 13.04
C PHE A 108 13.56 -4.49 11.85
N VAL A 109 13.91 -3.23 11.94
CA VAL A 109 13.64 -2.27 10.83
C VAL A 109 14.39 -2.72 9.56
N ILE A 110 15.62 -3.22 9.68
CA ILE A 110 16.38 -3.60 8.46
C ILE A 110 15.66 -4.75 7.76
N GLN A 111 15.23 -5.76 8.51
CA GLN A 111 14.56 -6.93 7.90
C GLN A 111 13.27 -6.43 7.23
N LYS A 112 12.53 -5.52 7.87
CA LYS A 112 11.24 -5.08 7.29
C LYS A 112 11.49 -4.20 6.08
N ARG A 113 12.51 -3.36 6.12
CA ARG A 113 12.82 -2.47 4.97
CA ARG A 113 12.82 -2.46 4.98
C ARG A 113 13.30 -3.32 3.79
N ALA A 114 13.97 -4.43 4.08
CA ALA A 114 14.47 -5.34 3.02
C ALA A 114 13.26 -5.79 2.15
N LEU A 115 12.08 -5.98 2.75
CA LEU A 115 10.87 -6.39 2.01
C LEU A 115 10.24 -5.17 1.33
N LEU A 116 10.04 -4.08 2.08
CA LEU A 116 9.41 -2.86 1.55
C LEU A 116 10.16 -2.33 0.34
N ALA A 117 11.48 -2.47 0.28
CA ALA A 117 12.30 -1.96 -0.85
C ALA A 117 12.05 -2.79 -2.11
N GLN A 118 11.39 -3.97 -2.01
CA GLN A 118 11.08 -4.84 -3.18
C GLN A 118 9.73 -4.50 -3.80
N LEU A 119 8.94 -3.66 -3.14
CA LEU A 119 7.65 -3.17 -3.70
C LEU A 119 7.95 -2.00 -4.61
N PRO A 120 7.00 -1.58 -5.48
CA PRO A 120 7.23 -0.44 -6.38
C PRO A 120 7.52 0.80 -5.56
N SER A 121 8.54 1.55 -5.97
CA SER A 121 9.09 2.72 -5.21
C SER A 121 8.02 3.76 -4.90
N GLY A 122 7.11 4.03 -5.81
CA GLY A 122 6.09 5.06 -5.56
C GLY A 122 4.84 4.55 -4.87
N ARG A 123 4.74 3.26 -4.57
CA ARG A 123 3.44 2.72 -4.10
C ARG A 123 3.09 3.25 -2.69
N HIS A 124 4.01 3.16 -1.73
CA HIS A 124 3.72 3.46 -0.31
C HIS A 124 4.61 4.63 0.12
N ASP A 125 4.05 5.68 0.71
CA ASP A 125 4.87 6.75 1.34
C ASP A 125 5.30 6.25 2.72
N GLU A 126 6.19 6.99 3.38
CA GLU A 126 6.85 6.48 4.62
C GLU A 126 5.78 6.33 5.72
N GLU A 127 4.75 7.18 5.71
N GLU A 127 4.75 7.16 5.71
CA GLU A 127 3.63 7.12 6.68
CA GLU A 127 3.71 7.06 6.78
C GLU A 127 2.92 5.77 6.54
C GLU A 127 2.90 5.77 6.54
N THR A 128 2.62 5.39 5.30
CA THR A 128 1.98 4.08 5.02
C THR A 128 2.90 2.95 5.42
N GLU A 129 4.20 3.08 5.17
CA GLU A 129 5.18 2.01 5.51
C GLU A 129 5.25 1.84 7.02
N LEU A 130 5.19 2.97 7.76
CA LEU A 130 5.13 2.91 9.23
C LEU A 130 3.81 2.27 9.69
N ASP A 131 2.71 2.56 9.04
CA ASP A 131 1.41 1.92 9.38
C ASP A 131 1.54 0.40 9.18
N LEU A 132 2.17 -0.04 8.10
CA LEU A 132 2.31 -1.50 7.86
C LEU A 132 3.11 -2.12 8.99
N LEU A 133 4.19 -1.46 9.36
CA LEU A 133 5.15 -1.96 10.37
C LEU A 133 4.59 -1.92 11.78
N PHE A 134 3.83 -0.88 12.14
CA PHE A 134 3.71 -0.48 13.57
C PHE A 134 3.14 -1.63 14.40
N GLY A 135 2.17 -2.37 13.86
CA GLY A 135 1.52 -3.45 14.59
C GLY A 135 2.41 -4.62 14.90
N LEU A 136 3.52 -4.73 14.19
CA LEU A 136 4.51 -5.82 14.39
C LEU A 136 5.53 -5.44 15.45
N LEU A 137 5.60 -4.18 15.88
CA LEU A 137 6.56 -3.74 16.92
C LEU A 137 6.25 -4.42 18.25
N ASN A 138 7.29 -4.80 18.95
CA ASN A 138 7.20 -5.40 20.30
C ASN A 138 6.57 -4.36 21.25
N ILE A 139 5.78 -4.80 22.21
CA ILE A 139 5.16 -3.96 23.29
C ILE A 139 6.26 -3.17 24.04
N LYS A 140 7.49 -3.72 24.17
CA LYS A 140 8.66 -3.01 24.77
C LYS A 140 8.78 -1.64 24.11
N TYR A 141 8.57 -1.52 22.79
CA TYR A 141 8.72 -0.21 22.10
C TYR A 141 7.39 0.52 22.12
N ARG A 142 6.29 -0.18 21.89
CA ARG A 142 4.99 0.52 21.70
C ARG A 142 4.53 1.22 22.99
N LYS A 143 4.88 0.69 24.16
CA LYS A 143 4.59 1.38 25.45
C LYS A 143 5.12 2.82 25.46
N HIS A 144 6.29 3.03 24.88
CA HIS A 144 7.03 4.31 24.92
C HIS A 144 6.84 5.08 23.63
N ILE A 145 6.56 4.42 22.49
CA ILE A 145 6.53 5.11 21.17
C ILE A 145 5.11 5.06 20.62
N SER A 146 4.44 6.18 20.61
CA SER A 146 3.10 6.34 20.00
C SER A 146 3.20 6.38 18.48
N ARG A 147 2.24 5.77 17.79
CA ARG A 147 2.23 5.86 16.32
C ARG A 147 2.21 7.34 15.89
N HIS A 148 1.46 8.21 16.56
CA HIS A 148 1.35 9.63 16.15
C HIS A 148 2.67 10.38 16.37
N SER A 149 3.56 9.85 17.20
CA SER A 149 4.84 10.48 17.61
C SER A 149 5.96 10.18 16.61
N VAL A 150 5.79 9.26 15.66
CA VAL A 150 6.83 8.94 14.63
C VAL A 150 6.28 9.26 13.24
N HIS A 151 7.09 9.90 12.42
CA HIS A 151 6.70 10.34 11.04
C HIS A 151 7.63 9.66 10.04
N THR A 152 8.80 9.21 10.49
CA THR A 152 9.85 8.61 9.61
C THR A 152 10.45 7.38 10.27
N PHE A 153 11.08 6.49 9.50
CA PHE A 153 11.84 5.37 10.09
C PHE A 153 12.96 5.93 10.99
N LYS A 154 13.55 7.06 10.62
CA LYS A 154 14.62 7.70 11.42
C LYS A 154 14.06 8.03 12.83
N ASP A 155 12.85 8.59 12.91
CA ASP A 155 12.25 8.88 14.24
C ASP A 155 12.13 7.58 15.00
N LEU A 156 11.63 6.53 14.35
CA LEU A 156 11.38 5.27 15.07
C LEU A 156 12.70 4.70 15.59
N LEU A 157 13.76 4.72 14.76
CA LEU A 157 15.07 4.16 15.12
C LEU A 157 15.66 4.96 16.29
N GLU A 158 15.60 6.29 16.20
CA GLU A 158 16.13 7.19 17.26
C GLU A 158 15.40 6.90 18.58
N GLN A 159 14.06 6.82 18.57
CA GLN A 159 13.31 6.56 19.82
C GLN A 159 13.58 5.15 20.31
N GLY A 160 13.72 4.17 19.42
CA GLY A 160 13.90 2.79 19.92
C GLY A 160 15.28 2.62 20.53
N ARG A 161 16.27 3.28 19.96
CA ARG A 161 17.66 3.18 20.49
C ARG A 161 17.73 3.77 21.92
N ILE A 162 17.01 4.86 22.18
CA ILE A 162 16.92 5.45 23.56
C ILE A 162 16.34 4.37 24.50
N ILE A 163 15.29 3.69 24.10
CA ILE A 163 14.69 2.66 25.00
C ILE A 163 15.73 1.58 25.31
N GLU A 164 16.50 1.17 24.31
CA GLU A 164 17.50 0.08 24.43
C GLU A 164 18.65 0.57 25.33
N HIS A 165 19.12 1.79 25.12
CA HIS A 165 20.19 2.43 25.93
C HIS A 165 19.80 2.44 27.42
N ASN A 166 18.52 2.64 27.74
CA ASN A 166 18.00 2.62 29.13
C ASN A 166 17.85 1.19 29.67
N ASN A 167 17.72 0.14 28.83
CA ASN A 167 17.27 -1.23 29.25
C ASN A 167 17.89 -2.31 28.36
N GLY B 5 -7.11 40.34 20.03
CA GLY B 5 -7.33 39.68 18.68
C GLY B 5 -6.51 38.40 18.54
N ASN B 6 -6.49 37.60 19.59
CA ASN B 6 -5.71 36.33 19.63
C ASN B 6 -6.56 35.20 20.23
N PHE B 7 -7.90 35.32 20.22
CA PHE B 7 -8.86 34.34 20.80
C PHE B 7 -9.10 34.59 22.29
N SER B 8 -8.51 35.62 22.89
CA SER B 8 -8.74 35.89 24.33
C SER B 8 -10.21 36.26 24.58
N ALA B 9 -10.97 36.74 23.57
CA ALA B 9 -12.39 37.10 23.78
C ALA B 9 -13.32 36.00 23.25
N CYS B 10 -12.77 34.92 22.69
CA CYS B 10 -13.57 33.89 21.99
C CYS B 10 -14.28 33.00 23.00
N THR B 11 -15.57 32.73 22.79
CA THR B 11 -16.39 31.94 23.72
C THR B 11 -16.40 30.46 23.33
N HIS B 12 -15.74 30.03 22.25
CA HIS B 12 -15.69 28.60 21.86
C HIS B 12 -14.59 27.90 22.67
N SER B 13 -14.80 26.65 23.04
CA SER B 13 -13.75 25.90 23.76
C SER B 13 -13.88 24.41 23.41
N PHE B 14 -12.82 23.70 23.59
CA PHE B 14 -12.69 22.25 23.34
C PHE B 14 -11.87 21.61 24.46
N GLY B 15 -12.39 20.53 25.02
CA GLY B 15 -11.81 19.80 26.17
C GLY B 15 -11.24 18.46 25.82
N GLY B 16 -11.33 18.03 24.55
CA GLY B 16 -10.81 16.73 24.11
C GLY B 16 -11.85 15.65 23.94
N THR B 17 -13.14 16.00 23.92
CA THR B 17 -14.22 15.01 23.62
C THR B 17 -13.93 14.34 22.26
N ARG B 18 -13.83 13.01 22.26
CA ARG B 18 -13.48 12.23 21.06
C ARG B 18 -14.79 11.93 20.30
N ASP B 19 -15.38 12.96 19.73
CA ASP B 19 -16.68 12.88 19.01
C ASP B 19 -16.54 13.67 17.73
N HIS B 20 -16.65 13.00 16.60
CA HIS B 20 -16.43 13.61 15.28
C HIS B 20 -17.24 14.91 15.11
N ASP B 21 -18.54 14.88 15.40
CA ASP B 21 -19.38 16.08 15.14
C ASP B 21 -18.93 17.22 16.07
N VAL B 22 -18.56 16.91 17.31
CA VAL B 22 -18.08 17.93 18.29
C VAL B 22 -16.81 18.58 17.73
N VAL B 23 -15.89 17.78 17.24
CA VAL B 23 -14.59 18.28 16.68
C VAL B 23 -14.90 19.15 15.48
N GLU B 24 -15.76 18.72 14.54
CA GLU B 24 -16.05 19.52 13.31
C GLU B 24 -16.76 20.82 13.69
N GLU B 25 -17.65 20.79 14.66
CA GLU B 25 -18.40 21.98 15.11
C GLU B 25 -17.41 23.00 15.70
N PHE B 26 -16.49 22.52 16.54
CA PHE B 26 -15.47 23.38 17.20
C PHE B 26 -14.59 24.03 16.12
N ILE B 27 -14.03 23.21 15.24
CA ILE B 27 -13.15 23.71 14.14
C ILE B 27 -13.93 24.74 13.31
N GLY B 28 -15.17 24.44 12.92
CA GLY B 28 -16.03 25.38 12.17
C GLY B 28 -16.22 26.70 12.90
N ASN B 29 -16.48 26.63 14.20
CA ASN B 29 -16.72 27.82 15.05
C ASN B 29 -15.45 28.68 15.11
N ILE B 30 -14.28 28.08 15.30
CA ILE B 30 -13.05 28.89 15.49
C ILE B 30 -12.59 29.43 14.12
N GLU B 31 -12.83 28.70 13.03
CA GLU B 31 -12.53 29.22 11.67
C GLU B 31 -13.40 30.46 11.38
N THR B 32 -14.68 30.39 11.70
CA THR B 32 -15.64 31.50 11.52
C THR B 32 -15.20 32.69 12.38
N TYR B 33 -14.92 32.46 13.67
CA TYR B 33 -14.50 33.55 14.59
C TYR B 33 -13.25 34.22 14.04
N LYS B 34 -12.26 33.41 13.67
CA LYS B 34 -11.00 33.90 13.10
C LYS B 34 -11.30 34.77 11.88
N ASP B 35 -12.17 34.31 10.99
CA ASP B 35 -12.49 35.08 9.76
C ASP B 35 -13.23 36.39 10.12
N VAL B 36 -14.29 36.31 10.94
CA VAL B 36 -15.15 37.46 11.31
C VAL B 36 -14.32 38.50 12.07
N GLU B 37 -13.42 38.10 12.94
CA GLU B 37 -12.62 39.02 13.78
C GLU B 37 -11.34 39.47 13.03
N GLY B 38 -11.08 38.95 11.83
CA GLY B 38 -9.88 39.32 11.04
C GLY B 38 -8.59 38.94 11.73
N ILE B 39 -8.52 37.76 12.34
CA ILE B 39 -7.26 37.26 12.99
C ILE B 39 -6.42 36.58 11.92
N SER B 40 -5.12 36.86 11.90
CA SER B 40 -4.16 36.30 10.93
C SER B 40 -3.90 34.83 11.29
N ASP B 41 -3.43 34.04 10.33
CA ASP B 41 -3.04 32.63 10.57
C ASP B 41 -2.00 32.62 11.69
N GLU B 42 -1.00 33.50 11.63
CA GLU B 42 0.12 33.49 12.59
C GLU B 42 -0.45 33.76 14.00
N ASN B 43 -1.38 34.70 14.13
CA ASN B 43 -1.90 35.10 15.46
C ASN B 43 -2.87 34.03 15.97
N ALA B 44 -3.67 33.43 15.07
CA ALA B 44 -4.59 32.32 15.42
C ALA B 44 -3.72 31.18 15.98
N LEU B 45 -2.61 30.84 15.35
CA LEU B 45 -1.72 29.78 15.86
C LEU B 45 -1.19 30.17 17.24
N LYS B 46 -0.72 31.41 17.46
CA LYS B 46 -0.14 31.81 18.76
C LYS B 46 -1.22 31.84 19.85
N GLY B 47 -2.49 32.03 19.51
CA GLY B 47 -3.61 32.15 20.48
C GLY B 47 -4.41 30.87 20.68
N ILE B 48 -4.18 29.82 19.89
CA ILE B 48 -5.14 28.67 19.84
C ILE B 48 -5.20 27.95 21.19
N SER B 49 -4.14 27.96 21.97
CA SER B 49 -4.12 27.31 23.30
C SER B 49 -5.17 27.94 24.24
N LEU B 50 -5.65 29.16 23.98
CA LEU B 50 -6.69 29.83 24.82
C LEU B 50 -8.05 29.15 24.67
N LEU B 51 -8.21 28.32 23.65
CA LEU B 51 -9.51 27.67 23.32
C LEU B 51 -9.54 26.24 23.90
N PHE B 52 -8.46 25.74 24.48
CA PHE B 52 -8.41 24.35 25.00
C PHE B 52 -8.50 24.34 26.51
N TYR B 53 -9.14 23.32 27.07
CA TYR B 53 -9.08 23.04 28.50
C TYR B 53 -8.91 21.54 28.69
N GLY B 54 -8.62 21.16 29.95
CA GLY B 54 -8.57 19.74 30.37
C GLY B 54 -7.60 18.98 29.47
N MSE B 55 -8.10 17.89 28.88
CA MSE B 55 -7.22 16.99 28.17
C MSE B 55 -6.68 17.64 26.91
O MSE B 55 -5.59 17.31 26.47
CB MSE B 55 -7.98 15.73 27.74
CG MSE B 55 -8.19 14.78 28.85
SE MSE B 55 -9.13 13.24 27.99
CE MSE B 55 -7.45 12.49 27.25
H MSE B 55 -9.08 17.68 28.92
HA MSE B 55 -6.47 16.74 28.76
HB2 MSE B 55 -7.48 15.29 27.05
HB3 MSE B 55 -8.83 15.98 27.39
HG2 MSE B 55 -8.75 15.17 29.56
HG3 MSE B 55 -7.34 14.49 29.24
HE1 MSE B 55 -7.60 11.59 26.96
HE2 MSE B 55 -6.77 12.49 27.95
HE3 MSE B 55 -7.15 13.04 26.51
N ALA B 56 -7.47 18.53 26.30
CA ALA B 56 -7.03 19.17 25.07
C ALA B 56 -5.81 20.06 25.37
N SER B 57 -5.75 20.67 26.55
CA SER B 57 -4.59 21.54 26.92
C SER B 57 -3.36 20.66 27.10
N THR B 58 -3.49 19.56 27.85
CA THR B 58 -2.33 18.64 28.07
C THR B 58 -1.87 18.14 26.70
N TRP B 59 -2.81 17.77 25.84
CA TRP B 59 -2.50 17.29 24.47
C TRP B 59 -1.71 18.37 23.72
N TRP B 60 -2.22 19.61 23.71
CA TRP B 60 -1.62 20.72 22.94
C TRP B 60 -0.18 20.94 23.41
N GLN B 61 0.08 20.85 24.71
CA GLN B 61 1.45 21.03 25.26
CA GLN B 61 1.44 21.00 25.31
C GLN B 61 2.40 20.06 24.56
N GLY B 62 1.92 18.84 24.28
CA GLY B 62 2.71 17.73 23.66
C GLY B 62 2.89 17.90 22.18
N VAL B 63 1.98 18.49 21.43
CA VAL B 63 2.09 18.50 19.94
C VAL B 63 2.40 19.89 19.41
N ARG B 64 2.34 20.95 20.22
CA ARG B 64 2.34 22.31 19.64
C ARG B 64 3.58 22.54 18.75
N LYS B 65 4.74 21.96 19.08
CA LYS B 65 5.97 22.17 18.24
C LYS B 65 5.75 21.65 16.82
N GLU B 66 4.90 20.63 16.66
CA GLU B 66 4.62 20.05 15.31
C GLU B 66 3.76 21.02 14.50
N ALA B 67 3.01 21.90 15.16
CA ALA B 67 2.11 22.85 14.47
C ALA B 67 2.91 24.10 14.12
N THR B 68 3.43 24.15 12.89
CA THR B 68 4.25 25.28 12.40
C THR B 68 3.32 26.25 11.67
N THR B 69 2.11 25.84 11.31
CA THR B 69 1.11 26.73 10.66
C THR B 69 -0.24 26.50 11.32
N TRP B 70 -1.13 27.47 11.16
CA TRP B 70 -2.56 27.36 11.55
C TRP B 70 -3.17 26.10 10.93
N LYS B 71 -2.94 25.92 9.63
CA LYS B 71 -3.50 24.78 8.87
C LYS B 71 -3.03 23.46 9.51
N GLU B 72 -1.78 23.35 9.92
CA GLU B 72 -1.26 22.13 10.59
C GLU B 72 -1.89 21.96 11.97
N ALA B 73 -2.16 23.06 12.69
CA ALA B 73 -2.84 22.98 14.01
C ALA B 73 -4.24 22.37 13.81
N ILE B 74 -4.99 22.87 12.84
CA ILE B 74 -6.35 22.35 12.56
C ILE B 74 -6.24 20.86 12.20
N ALA B 75 -5.26 20.47 11.37
CA ALA B 75 -5.13 19.05 10.93
C ALA B 75 -4.80 18.18 12.15
N LEU B 76 -4.04 18.69 13.12
CA LEU B 76 -3.66 17.90 14.32
C LEU B 76 -4.92 17.61 15.15
N ILE B 77 -5.79 18.60 15.27
CA ILE B 77 -7.04 18.45 16.08
C ILE B 77 -7.88 17.32 15.45
N ARG B 78 -8.10 17.39 14.15
CA ARG B 78 -8.89 16.37 13.42
C ARG B 78 -8.25 15.00 13.55
N GLU B 79 -6.96 14.91 13.28
CA GLU B 79 -6.20 13.62 13.29
CA GLU B 79 -6.30 13.59 13.26
C GLU B 79 -6.28 13.00 14.68
N HIS B 80 -6.13 13.79 15.73
CA HIS B 80 -5.94 13.19 17.08
C HIS B 80 -7.29 12.89 17.73
N PHE B 81 -8.32 13.68 17.47
CA PHE B 81 -9.57 13.65 18.27
C PHE B 81 -10.72 13.01 17.50
N SER B 82 -10.72 13.02 16.17
CA SER B 82 -11.83 12.39 15.40
C SER B 82 -11.59 10.89 15.42
N PRO B 83 -12.46 10.08 16.03
CA PRO B 83 -12.09 8.71 16.35
C PRO B 83 -12.05 7.85 15.08
N THR B 84 -11.04 7.00 15.01
CA THR B 84 -10.94 6.00 13.92
C THR B 84 -10.09 4.83 14.37
N LYS B 85 -10.29 3.73 13.68
CA LYS B 85 -9.44 2.55 13.86
C LYS B 85 -8.10 2.91 13.24
N PRO B 86 -6.97 2.72 13.94
CA PRO B 86 -5.65 2.98 13.37
C PRO B 86 -5.37 2.06 12.18
N ALA B 87 -4.81 2.60 11.10
CA ALA B 87 -4.44 1.83 9.90
C ALA B 87 -3.59 0.61 10.30
N TYR B 88 -2.63 0.75 11.22
CA TYR B 88 -1.74 -0.38 11.60
C TYR B 88 -2.59 -1.53 12.13
N GLN B 89 -3.67 -1.23 12.84
CA GLN B 89 -4.54 -2.27 13.43
C GLN B 89 -5.31 -2.99 12.32
N ILE B 90 -5.78 -2.25 11.33
CA ILE B 90 -6.50 -2.81 10.16
C ILE B 90 -5.54 -3.76 9.41
N TYR B 91 -4.32 -3.33 9.15
CA TYR B 91 -3.39 -4.23 8.44
C TYR B 91 -3.14 -5.52 9.24
N MSE B 92 -2.92 -5.41 10.57
CA MSE B 92 -2.65 -6.60 11.36
C MSE B 92 -3.85 -7.56 11.33
O MSE B 92 -3.70 -8.77 11.16
CB MSE B 92 -2.35 -6.30 12.82
CG MSE B 92 -1.08 -5.63 13.09
SE MSE B 92 0.40 -6.86 12.70
CE MSE B 92 0.33 -8.32 14.02
H MSE B 92 -2.94 -4.51 11.02
HA MSE B 92 -1.88 -7.07 10.96
HB2 MSE B 92 -2.36 -7.12 13.32
HB3 MSE B 92 -3.05 -5.75 13.18
HG2 MSE B 92 -1.03 -5.34 14.03
HG3 MSE B 92 -0.99 -4.83 12.52
HE1 MSE B 92 1.03 -8.97 13.84
HE2 MSE B 92 -0.54 -8.76 13.97
HE3 MSE B 92 0.45 -7.97 14.92
N GLU B 93 -5.07 -7.02 11.46
CA GLU B 93 -6.23 -7.88 11.44
CA GLU B 93 -6.25 -7.87 11.45
C GLU B 93 -6.38 -8.50 10.06
N PHE B 94 -6.07 -7.75 9.00
CA PHE B 94 -6.19 -8.26 7.62
C PHE B 94 -5.31 -9.50 7.47
N PHE B 95 -4.07 -9.43 7.98
CA PHE B 95 -3.09 -10.52 7.76
C PHE B 95 -3.22 -11.60 8.82
N GLN B 96 -4.15 -11.49 9.76
CA GLN B 96 -4.23 -12.44 10.90
C GLN B 96 -4.70 -13.82 10.46
N ASN B 97 -5.66 -13.92 9.54
CA ASN B 97 -6.26 -15.23 9.17
C ASN B 97 -6.23 -15.46 7.66
N LYS B 98 -5.62 -16.56 7.27
CA LYS B 98 -5.63 -17.10 5.89
C LYS B 98 -7.00 -17.69 5.59
N GLN B 99 -7.32 -17.83 4.32
CA GLN B 99 -8.55 -18.56 3.91
C GLN B 99 -8.44 -20.04 4.33
N ASP B 100 -9.33 -20.46 5.23
CA ASP B 100 -9.73 -21.86 5.56
C ASP B 100 -9.94 -22.74 4.33
N ASP B 101 -9.77 -24.05 4.55
CA ASP B 101 -10.05 -25.10 3.53
C ASP B 101 -11.52 -25.08 3.07
N HIS B 102 -12.47 -24.73 3.91
CA HIS B 102 -13.91 -24.86 3.54
C HIS B 102 -14.62 -23.50 3.46
N ASP B 103 -13.88 -22.39 3.52
CA ASP B 103 -14.50 -21.04 3.38
C ASP B 103 -14.50 -20.70 1.89
N PRO B 104 -15.67 -20.56 1.24
CA PRO B 104 -15.71 -20.18 -0.17
C PRO B 104 -15.11 -18.80 -0.45
N ILE B 105 -14.72 -18.60 -1.69
CA ILE B 105 -13.91 -17.42 -2.07
C ILE B 105 -14.77 -16.16 -1.96
N ASP B 106 -16.07 -16.22 -2.24
CA ASP B 106 -16.89 -14.99 -2.18
C ASP B 106 -16.90 -14.41 -0.76
N THR B 107 -17.15 -15.22 0.26
CA THR B 107 -17.32 -14.71 1.62
C THR B 107 -15.94 -14.32 2.16
N PHE B 108 -14.90 -15.05 1.79
CA PHE B 108 -13.52 -14.72 2.20
C PHE B 108 -13.18 -13.34 1.65
N VAL B 109 -13.38 -13.13 0.37
CA VAL B 109 -13.09 -11.83 -0.27
C VAL B 109 -13.97 -10.71 0.33
N ILE B 110 -15.25 -10.96 0.59
CA ILE B 110 -16.11 -9.89 1.20
C ILE B 110 -15.48 -9.43 2.51
N GLN B 111 -15.11 -10.37 3.38
CA GLN B 111 -14.63 -10.01 4.74
C GLN B 111 -13.31 -9.23 4.58
N LYS B 112 -12.46 -9.65 3.68
CA LYS B 112 -11.15 -8.99 3.54
C LYS B 112 -11.35 -7.61 2.93
N ARG B 113 -12.20 -7.50 1.93
CA ARG B 113 -12.39 -6.18 1.28
C ARG B 113 -13.11 -5.24 2.26
N ALA B 114 -13.86 -5.80 3.19
CA ALA B 114 -14.50 -4.99 4.25
C ALA B 114 -13.42 -4.33 5.11
N LEU B 115 -12.38 -5.05 5.52
CA LEU B 115 -11.23 -4.48 6.27
C LEU B 115 -10.50 -3.43 5.41
N LEU B 116 -10.29 -3.70 4.13
CA LEU B 116 -9.62 -2.73 3.26
C LEU B 116 -10.43 -1.45 3.16
N ALA B 117 -11.78 -1.54 3.22
CA ALA B 117 -12.62 -0.34 3.12
C ALA B 117 -12.52 0.51 4.39
N GLN B 118 -11.88 0.02 5.47
CA GLN B 118 -11.66 0.80 6.71
C GLN B 118 -10.43 1.70 6.61
N LEU B 119 -9.52 1.43 5.67
CA LEU B 119 -8.32 2.27 5.48
C LEU B 119 -8.71 3.57 4.78
N PRO B 120 -7.89 4.64 4.85
CA PRO B 120 -8.14 5.86 4.08
C PRO B 120 -8.46 5.62 2.60
N SER B 121 -9.55 6.25 2.15
CA SER B 121 -10.27 5.97 0.89
C SER B 121 -9.35 5.99 -0.33
N GLY B 122 -8.44 6.95 -0.46
CA GLY B 122 -7.65 6.98 -1.70
C GLY B 122 -6.33 6.22 -1.60
N ARG B 123 -6.06 5.49 -0.53
CA ARG B 123 -4.66 5.09 -0.27
C ARG B 123 -4.19 4.01 -1.27
N HIS B 124 -4.97 2.96 -1.45
CA HIS B 124 -4.58 1.78 -2.27
C HIS B 124 -5.47 1.67 -3.50
N ASP B 125 -4.90 1.37 -4.65
CA ASP B 125 -5.70 1.03 -5.85
C ASP B 125 -6.01 -0.47 -5.79
N GLU B 126 -6.84 -0.95 -6.73
CA GLU B 126 -7.37 -2.34 -6.68
C GLU B 126 -6.20 -3.32 -6.88
N GLU B 127 -5.20 -2.96 -7.69
CA GLU B 127 -4.00 -3.81 -7.89
C GLU B 127 -3.28 -4.04 -6.54
N THR B 128 -3.10 -2.96 -5.77
CA THR B 128 -2.41 -3.11 -4.46
C THR B 128 -3.30 -3.96 -3.55
N GLU B 129 -4.60 -3.71 -3.55
CA GLU B 129 -5.53 -4.45 -2.67
C GLU B 129 -5.51 -5.95 -3.00
N LEU B 130 -5.46 -6.28 -4.28
CA LEU B 130 -5.33 -7.68 -4.73
C LEU B 130 -4.00 -8.28 -4.28
N ASP B 131 -2.93 -7.50 -4.32
CA ASP B 131 -1.61 -7.97 -3.84
C ASP B 131 -1.70 -8.26 -2.34
N LEU B 132 -2.35 -7.39 -1.57
CA LEU B 132 -2.46 -7.62 -0.10
C LEU B 132 -3.18 -8.95 0.12
N LEU B 133 -4.28 -9.16 -0.59
CA LEU B 133 -5.15 -10.34 -0.39
C LEU B 133 -4.48 -11.63 -0.87
N PHE B 134 -3.76 -11.60 -1.98
CA PHE B 134 -3.56 -12.82 -2.78
C PHE B 134 -2.85 -13.90 -1.96
N GLY B 135 -1.89 -13.54 -1.12
CA GLY B 135 -1.15 -14.52 -0.32
C GLY B 135 -1.97 -15.22 0.74
N LEU B 136 -3.13 -14.67 1.10
CA LEU B 136 -4.02 -15.28 2.11
C LEU B 136 -4.98 -16.26 1.44
N LEU B 137 -5.09 -16.29 0.12
CA LEU B 137 -5.99 -17.23 -0.58
C LEU B 137 -5.55 -18.66 -0.35
N ASN B 138 -6.52 -19.55 -0.25
CA ASN B 138 -6.25 -20.97 -0.04
C ASN B 138 -5.42 -21.51 -1.23
N ILE B 139 -4.49 -22.41 -0.93
CA ILE B 139 -3.63 -23.08 -1.95
C ILE B 139 -4.51 -23.74 -3.04
N LYS B 140 -5.72 -24.22 -2.67
CA LYS B 140 -6.70 -24.81 -3.62
C LYS B 140 -6.86 -23.86 -4.80
N TYR B 141 -6.93 -22.55 -4.58
CA TYR B 141 -7.17 -21.57 -5.67
C TYR B 141 -5.85 -21.21 -6.38
N ARG B 142 -4.78 -21.05 -5.61
CA ARG B 142 -3.53 -20.54 -6.22
C ARG B 142 -2.89 -21.61 -7.11
N LYS B 143 -3.19 -22.89 -6.91
CA LYS B 143 -2.75 -23.95 -7.88
C LYS B 143 -3.27 -23.67 -9.29
N HIS B 144 -4.44 -23.04 -9.43
CA HIS B 144 -5.08 -22.79 -10.74
C HIS B 144 -4.85 -21.36 -11.17
N ILE B 145 -4.86 -20.42 -10.21
CA ILE B 145 -4.94 -18.97 -10.55
C ILE B 145 -3.57 -18.35 -10.30
N SER B 146 -2.91 -17.90 -11.35
CA SER B 146 -1.67 -17.09 -11.27
C SER B 146 -2.05 -15.66 -10.85
N ARG B 147 -1.28 -15.01 -9.99
CA ARG B 147 -1.53 -13.59 -9.72
C ARG B 147 -1.62 -12.78 -11.01
N HIS B 148 -0.80 -13.09 -12.01
CA HIS B 148 -0.75 -12.28 -13.25
C HIS B 148 -1.98 -12.53 -14.13
N SER B 149 -2.78 -13.54 -13.83
CA SER B 149 -4.03 -13.88 -14.59
C SER B 149 -5.23 -13.05 -14.16
N VAL B 150 -5.16 -12.26 -13.09
CA VAL B 150 -6.28 -11.44 -12.54
C VAL B 150 -5.81 -9.99 -12.39
N HIS B 151 -6.66 -9.04 -12.75
CA HIS B 151 -6.39 -7.59 -12.61
C HIS B 151 -7.37 -6.95 -11.62
N THR B 152 -8.46 -7.62 -11.30
CA THR B 152 -9.56 -7.10 -10.44
C THR B 152 -10.06 -8.19 -9.51
N PHE B 153 -10.74 -7.82 -8.43
CA PHE B 153 -11.39 -8.81 -7.54
C PHE B 153 -12.42 -9.62 -8.35
N LYS B 154 -13.11 -8.96 -9.26
CA LYS B 154 -14.14 -9.63 -10.09
C LYS B 154 -13.49 -10.73 -10.95
N ASP B 155 -12.31 -10.47 -11.52
CA ASP B 155 -11.59 -11.53 -12.27
C ASP B 155 -11.29 -12.70 -11.33
N LEU B 156 -10.82 -12.40 -10.12
CA LEU B 156 -10.41 -13.47 -9.19
C LEU B 156 -11.64 -14.30 -8.83
N LEU B 157 -12.78 -13.64 -8.57
CA LEU B 157 -13.99 -14.31 -8.10
C LEU B 157 -14.54 -15.16 -9.25
N GLU B 158 -14.50 -14.66 -10.48
CA GLU B 158 -14.98 -15.44 -11.66
C GLU B 158 -14.17 -16.75 -11.77
N GLN B 159 -12.83 -16.69 -11.64
CA GLN B 159 -12.02 -17.92 -11.73
C GLN B 159 -12.26 -18.78 -10.50
N GLY B 160 -12.38 -18.20 -9.31
CA GLY B 160 -12.55 -19.00 -8.09
C GLY B 160 -13.87 -19.77 -8.11
N ARG B 161 -14.92 -19.13 -8.60
CA ARG B 161 -16.26 -19.77 -8.62
C ARG B 161 -16.25 -21.00 -9.56
N ILE B 162 -15.54 -20.90 -10.70
CA ILE B 162 -15.40 -22.03 -11.65
C ILE B 162 -14.72 -23.18 -10.90
N ILE B 163 -13.65 -22.91 -10.17
CA ILE B 163 -12.94 -23.96 -9.42
C ILE B 163 -13.90 -24.63 -8.44
N GLU B 164 -14.70 -23.83 -7.73
CA GLU B 164 -15.64 -24.34 -6.69
C GLU B 164 -16.72 -25.20 -7.36
N HIS B 165 -17.27 -24.74 -8.48
CA HIS B 165 -18.31 -25.48 -9.24
C HIS B 165 -17.76 -26.86 -9.65
N ASN B 166 -16.50 -26.94 -10.06
CA ASN B 166 -15.85 -28.20 -10.57
C ASN B 166 -15.41 -29.09 -9.40
N ASN B 167 -15.64 -28.71 -8.12
CA ASN B 167 -15.69 -29.64 -6.96
C ASN B 167 -17.14 -29.84 -6.48
NA NA C . -5.78 -9.48 -20.28
CL CL D . 16.95 -9.52 -28.28
CL CL E . 13.58 -4.95 -5.90
NA NA F . -2.61 -21.03 -13.49
CL CL G . -10.21 37.37 20.35
#